data_6FLG
#
_entry.id   6FLG
#
_cell.length_a   87.000
_cell.length_b   87.000
_cell.length_c   316.880
_cell.angle_alpha   90.00
_cell.angle_beta   90.00
_cell.angle_gamma   120.00
#
_symmetry.space_group_name_H-M   'P 65 2 2'
#
loop_
_entity.id
_entity.type
_entity.pdbx_description
1 polymer 'NAD-dependent protein deacylase sirtuin-5, mitochondrial'
2 polymer '3(S)-(naphthylthio)succinyl-CPS1 peptide'
3 non-polymer 'ZINC ION'
4 non-polymer 1,2-ETHANEDIOL
5 non-polymer 'DIMETHYL SULFOXIDE'
6 non-polymer '4-(2-HYDROXYETHYL)-1-PIPERAZINE ETHANESULFONIC ACID'
7 water water
#
loop_
_entity_poly.entity_id
_entity_poly.type
_entity_poly.pdbx_seq_one_letter_code
_entity_poly.pdbx_strand_id
1 'polypeptide(L)'
;GIDPFTKMTRPSSDLTAFREHFAKAKHIAIITGAGVSAESGVPTFRGPGGFWRKWQAQDLATPEAFSRDPSLVWEFYHYR
REVMRSKMPNPAHLAIAECEARLGQQGRSVVIITQNIDELHHRAGSKHVYEIHGSLFKTRCMSCGEVKANHKSPICPALD
GKGAPDPNTKEARIPVELLPRCERKSCNGLLRPHVVWFGETLDSDILTAVERELEKCDLCLVVGTSSIVYPAAMFAPQVA
SRGVPVAEFNMECTPATQRFKYHFEGPCGSTLPPALERHESEAV
;
A,B
2 'polypeptide(L)' (GZB)VL(DQK)EYGV C
#
# COMPACT_ATOMS: atom_id res chain seq x y z
N ASP A 14 -0.53 -21.23 -16.97
CA ASP A 14 0.97 -21.28 -16.79
C ASP A 14 1.54 -19.86 -16.58
N LEU A 15 2.46 -19.73 -15.62
CA LEU A 15 2.99 -18.42 -15.19
C LEU A 15 3.95 -17.81 -16.20
N THR A 16 4.96 -18.57 -16.61
CA THR A 16 5.98 -18.05 -17.54
C THR A 16 5.43 -17.75 -18.94
N ALA A 17 4.32 -18.38 -19.31
CA ALA A 17 3.61 -18.03 -20.54
C ALA A 17 2.98 -16.62 -20.46
N PHE A 18 2.42 -16.27 -19.30
CA PHE A 18 1.97 -14.90 -19.03
C PHE A 18 3.16 -13.96 -19.06
N ARG A 19 4.20 -14.31 -18.31
CA ARG A 19 5.39 -13.45 -18.17
C ARG A 19 6.03 -13.12 -19.52
N GLU A 20 5.96 -14.03 -20.48
CA GLU A 20 6.42 -13.74 -21.84
C GLU A 20 5.64 -12.60 -22.47
N HIS A 21 4.32 -12.64 -22.35
CA HIS A 21 3.48 -11.55 -22.85
C HIS A 21 3.71 -10.26 -22.09
N PHE A 22 3.83 -10.37 -20.77
CA PHE A 22 4.09 -9.21 -19.91
C PHE A 22 5.34 -8.43 -20.32
N ALA A 23 6.37 -9.15 -20.77
CA ALA A 23 7.63 -8.51 -21.22
C ALA A 23 7.48 -7.79 -22.56
N LYS A 24 6.77 -8.40 -23.50
CA LYS A 24 6.49 -7.81 -24.82
C LYS A 24 5.57 -6.58 -24.75
N ALA A 25 4.55 -6.68 -23.91
CA ALA A 25 3.42 -5.76 -23.91
C ALA A 25 3.77 -4.28 -23.77
N LYS A 26 3.30 -3.46 -24.72
CA LYS A 26 3.48 -2.01 -24.71
C LYS A 26 2.30 -1.23 -24.12
N HIS A 27 1.12 -1.85 -24.04
CA HIS A 27 -0.08 -1.16 -23.58
C HIS A 27 -0.97 -2.12 -22.81
N ILE A 28 -0.83 -2.13 -21.49
CA ILE A 28 -1.61 -3.03 -20.62
C ILE A 28 -2.87 -2.30 -20.15
N ALA A 29 -4.00 -3.01 -20.15
CA ALA A 29 -5.23 -2.53 -19.53
C ALA A 29 -5.62 -3.51 -18.45
N ILE A 30 -5.89 -2.98 -17.26
CA ILE A 30 -6.22 -3.79 -16.11
C ILE A 30 -7.61 -3.35 -15.69
N ILE A 31 -8.53 -4.30 -15.70
CA ILE A 31 -9.88 -4.08 -15.25
C ILE A 31 -9.99 -4.69 -13.86
N THR A 32 -10.48 -3.91 -12.89
CA THR A 32 -10.58 -4.39 -11.52
C THR A 32 -12.01 -4.39 -10.97
N GLY A 33 -12.31 -5.42 -10.17
CA GLY A 33 -13.63 -5.61 -9.56
C GLY A 33 -13.60 -5.58 -8.04
N ALA A 34 -14.63 -6.12 -7.42
CA ALA A 34 -14.82 -6.05 -5.96
C ALA A 34 -13.86 -6.93 -5.16
N GLY A 35 -13.37 -8.02 -5.77
CA GLY A 35 -12.40 -8.91 -5.11
C GLY A 35 -11.18 -8.21 -4.55
N VAL A 36 -10.65 -7.24 -5.29
CA VAL A 36 -9.45 -6.52 -4.90
C VAL A 36 -9.76 -5.62 -3.70
N SER A 37 -10.88 -4.89 -3.78
CA SER A 37 -11.35 -4.09 -2.64
C SER A 37 -11.71 -4.96 -1.42
N ALA A 38 -12.22 -6.16 -1.68
CA ALA A 38 -12.60 -7.09 -0.61
C ALA A 38 -11.41 -7.60 0.19
N GLU A 39 -10.25 -7.77 -0.45
CA GLU A 39 -9.02 -8.19 0.24
C GLU A 39 -8.37 -7.08 1.08
N SER A 40 -8.84 -5.84 0.97
CA SER A 40 -8.48 -4.77 1.91
C SER A 40 -9.49 -4.60 3.07
N GLY A 41 -10.50 -5.46 3.13
CA GLY A 41 -11.52 -5.40 4.16
C GLY A 41 -12.66 -4.42 3.92
N VAL A 42 -12.75 -3.88 2.70
CA VAL A 42 -13.82 -2.93 2.34
C VAL A 42 -15.12 -3.73 2.27
N PRO A 43 -16.21 -3.22 2.89
CA PRO A 43 -17.49 -3.91 2.71
C PRO A 43 -18.03 -3.67 1.29
N THR A 44 -18.37 -4.76 0.61
CA THR A 44 -18.93 -4.72 -0.73
C THR A 44 -20.18 -5.58 -0.67
N PHE A 45 -21.33 -4.96 -0.87
CA PHE A 45 -22.60 -5.60 -0.49
C PHE A 45 -23.04 -6.67 -1.49
N ARG A 46 -22.44 -7.84 -1.29
CA ARG A 46 -22.56 -9.06 -2.11
C ARG A 46 -21.62 -10.14 -1.52
N GLY A 47 -20.39 -9.74 -1.17
CA GLY A 47 -19.46 -10.55 -0.35
C GLY A 47 -19.33 -10.03 1.09
N PRO A 48 -18.16 -9.46 1.48
CA PRO A 48 -17.92 -9.02 2.87
C PRO A 48 -18.75 -7.82 3.32
N GLY A 49 -19.06 -7.76 4.61
CA GLY A 49 -20.05 -6.83 5.14
C GLY A 49 -21.40 -7.19 4.53
N GLY A 50 -21.99 -8.29 5.02
CA GLY A 50 -23.22 -8.89 4.47
C GLY A 50 -24.30 -7.91 4.04
N PHE A 51 -24.82 -7.15 5.01
CA PHE A 51 -25.72 -6.01 4.74
C PHE A 51 -25.47 -4.89 5.75
N TRP A 52 -26.07 -3.72 5.50
CA TRP A 52 -25.96 -2.53 6.37
C TRP A 52 -27.29 -2.26 7.02
N ARG A 53 -27.26 -2.00 8.33
CA ARG A 53 -28.43 -2.08 9.17
C ARG A 53 -29.22 -3.32 8.72
N LYS A 54 -30.44 -3.15 8.25
CA LYS A 54 -31.20 -4.27 7.69
C LYS A 54 -31.43 -4.08 6.20
N TRP A 55 -30.94 -2.97 5.65
CA TRP A 55 -31.44 -2.46 4.38
C TRP A 55 -30.82 -3.15 3.17
N GLN A 56 -31.53 -3.02 2.05
CA GLN A 56 -31.08 -3.55 0.77
C GLN A 56 -30.89 -2.44 -0.25
N ALA A 57 -30.15 -2.77 -1.30
CA ALA A 57 -29.88 -1.87 -2.42
C ALA A 57 -31.07 -1.00 -2.81
N GLN A 58 -32.28 -1.56 -2.74
CA GLN A 58 -33.51 -0.88 -3.20
C GLN A 58 -33.95 0.37 -2.41
N ASP A 59 -33.70 0.40 -1.09
CA ASP A 59 -33.92 1.62 -0.28
C ASP A 59 -32.59 2.32 0.07
N LEU A 60 -31.50 1.99 -0.63
CA LEU A 60 -30.18 2.60 -0.38
C LEU A 60 -29.49 3.18 -1.61
N ALA A 61 -29.29 2.36 -2.64
CA ALA A 61 -28.46 2.73 -3.81
C ALA A 61 -29.25 2.96 -5.12
N THR A 62 -30.33 3.73 -5.04
CA THR A 62 -31.13 4.14 -6.23
C THR A 62 -31.53 5.62 -6.14
N PRO A 63 -31.82 6.27 -7.30
CA PRO A 63 -32.24 7.67 -7.27
C PRO A 63 -33.57 7.90 -6.57
N GLU A 64 -34.44 6.88 -6.65
CA GLU A 64 -35.74 6.87 -5.99
C GLU A 64 -35.55 6.95 -4.47
N ALA A 65 -34.76 6.01 -3.94
CA ALA A 65 -34.40 5.95 -2.52
C ALA A 65 -33.74 7.23 -2.00
N PHE A 66 -32.90 7.88 -2.82
CA PHE A 66 -32.31 9.16 -2.47
C PHE A 66 -33.35 10.29 -2.47
N SER A 67 -34.36 10.20 -3.32
CA SER A 67 -35.42 11.22 -3.33
C SER A 67 -36.34 11.05 -2.13
N ARG A 68 -36.68 9.79 -1.80
CA ARG A 68 -37.53 9.49 -0.66
C ARG A 68 -36.87 9.83 0.65
N ASP A 69 -35.62 9.40 0.82
CA ASP A 69 -34.93 9.53 2.11
C ASP A 69 -33.42 9.82 1.93
N PRO A 70 -33.08 11.08 1.63
CA PRO A 70 -31.67 11.43 1.44
C PRO A 70 -30.82 11.35 2.73
N SER A 71 -31.45 11.48 3.90
CA SER A 71 -30.76 11.30 5.16
C SER A 71 -30.22 9.87 5.29
N LEU A 72 -31.08 8.90 5.03
CA LEU A 72 -30.70 7.50 5.18
C LEU A 72 -29.60 7.07 4.19
N VAL A 73 -29.70 7.54 2.96
CA VAL A 73 -28.70 7.24 1.91
C VAL A 73 -27.36 7.88 2.29
N TRP A 74 -27.39 9.14 2.67
CA TRP A 74 -26.18 9.82 3.16
C TRP A 74 -25.62 9.18 4.43
N GLU A 75 -26.48 8.78 5.35
CA GLU A 75 -26.06 7.97 6.49
C GLU A 75 -25.23 6.78 6.01
N PHE A 76 -25.78 6.08 5.02
CA PHE A 76 -25.15 4.89 4.47
C PHE A 76 -23.81 5.20 3.80
N TYR A 77 -23.80 6.21 2.94
CA TYR A 77 -22.59 6.55 2.21
C TYR A 77 -21.53 7.18 3.13
N HIS A 78 -21.97 7.86 4.21
CA HIS A 78 -21.06 8.36 5.24
C HIS A 78 -20.33 7.22 5.96
N TYR A 79 -21.05 6.18 6.34
CA TYR A 79 -20.43 4.98 6.87
C TYR A 79 -19.29 4.47 5.99
N ARG A 80 -19.55 4.38 4.69
CA ARG A 80 -18.60 3.78 3.76
C ARG A 80 -17.37 4.66 3.51
N ARG A 81 -17.54 5.97 3.60
CA ARG A 81 -16.42 6.91 3.56
C ARG A 81 -15.52 6.75 4.79
N GLU A 82 -16.13 6.66 5.96
CA GLU A 82 -15.39 6.61 7.21
C GLU A 82 -14.68 5.26 7.43
N VAL A 83 -15.30 4.14 7.05
CA VAL A 83 -14.59 2.85 7.16
C VAL A 83 -13.27 2.86 6.39
N MET A 84 -13.17 3.64 5.30
CA MET A 84 -11.93 3.70 4.51
C MET A 84 -10.70 4.23 5.27
N ARG A 85 -10.92 5.01 6.34
CA ARG A 85 -9.79 5.55 7.12
C ARG A 85 -8.95 4.43 7.76
N SER A 86 -9.55 3.28 8.06
CA SER A 86 -8.82 2.10 8.57
C SER A 86 -8.56 0.98 7.54
N LYS A 87 -9.17 1.04 6.36
CA LYS A 87 -8.85 0.07 5.29
C LYS A 87 -7.73 0.62 4.42
N MET A 88 -6.72 -0.20 4.16
CA MET A 88 -5.55 0.24 3.40
C MET A 88 -5.42 -0.53 2.08
N PRO A 89 -4.72 0.05 1.09
CA PRO A 89 -4.35 -0.68 -0.12
C PRO A 89 -3.66 -2.01 0.20
N ASN A 90 -4.07 -3.07 -0.49
CA ASN A 90 -3.46 -4.40 -0.35
C ASN A 90 -2.41 -4.57 -1.43
N PRO A 91 -1.59 -5.66 -1.38
CA PRO A 91 -0.49 -5.82 -2.33
C PRO A 91 -0.84 -5.75 -3.81
N ALA A 92 -2.04 -6.20 -4.19
CA ALA A 92 -2.51 -6.09 -5.58
C ALA A 92 -2.58 -4.63 -6.03
N HIS A 93 -3.16 -3.78 -5.18
CA HIS A 93 -3.26 -2.35 -5.47
C HIS A 93 -1.88 -1.74 -5.73
N LEU A 94 -0.91 -2.12 -4.92
CA LEU A 94 0.45 -1.54 -4.97
C LEU A 94 1.31 -2.14 -6.07
N ALA A 95 1.13 -3.42 -6.34
CA ALA A 95 1.82 -4.09 -7.45
C ALA A 95 1.40 -3.49 -8.79
N ILE A 96 0.10 -3.23 -8.95
CA ILE A 96 -0.40 -2.57 -10.14
C ILE A 96 0.23 -1.21 -10.26
N ALA A 97 0.15 -0.43 -9.18
CA ALA A 97 0.60 0.98 -9.18
C ALA A 97 2.08 1.12 -9.43
N GLU A 98 2.86 0.27 -8.78
CA GLU A 98 4.30 0.26 -9.01
C GLU A 98 4.61 -0.16 -10.45
N CYS A 99 3.91 -1.19 -10.95
CA CYS A 99 4.07 -1.66 -12.34
C CYS A 99 3.78 -0.56 -13.36
N GLU A 100 2.69 0.18 -13.15
CA GLU A 100 2.37 1.32 -13.99
C GLU A 100 3.56 2.27 -14.10
N ALA A 101 4.13 2.63 -12.96
CA ALA A 101 5.21 3.62 -12.90
C ALA A 101 6.49 3.08 -13.54
N ARG A 102 6.84 1.84 -13.23
CA ARG A 102 8.01 1.18 -13.80
C ARG A 102 7.91 1.05 -15.33
N LEU A 103 6.76 0.60 -15.82
CA LEU A 103 6.52 0.51 -17.27
C LEU A 103 6.38 1.87 -17.94
N GLY A 104 5.66 2.79 -17.30
CA GLY A 104 5.47 4.15 -17.85
C GLY A 104 6.76 4.86 -18.22
N GLN A 105 7.76 4.68 -17.36
CA GLN A 105 9.09 5.25 -17.58
C GLN A 105 9.85 4.57 -18.72
N GLN A 106 9.46 3.34 -19.03
CA GLN A 106 9.95 2.65 -20.24
C GLN A 106 9.20 3.07 -21.52
N GLY A 107 8.19 3.93 -21.40
CA GLY A 107 7.29 4.26 -22.51
C GLY A 107 6.26 3.17 -22.78
N ARG A 108 5.74 2.58 -21.71
CA ARG A 108 4.75 1.51 -21.79
C ARG A 108 3.58 1.85 -20.88
N SER A 109 2.39 1.94 -21.45
CA SER A 109 1.22 2.36 -20.71
C SER A 109 0.61 1.21 -19.91
N VAL A 110 0.03 1.59 -18.77
CA VAL A 110 -0.85 0.73 -17.99
C VAL A 110 -2.02 1.61 -17.56
N VAL A 111 -3.24 1.20 -17.85
CA VAL A 111 -4.43 1.91 -17.36
C VAL A 111 -5.33 0.96 -16.58
N ILE A 112 -6.03 1.55 -15.62
CA ILE A 112 -6.92 0.82 -14.73
C ILE A 112 -8.33 1.28 -15.08
N ILE A 113 -9.18 0.31 -15.38
CA ILE A 113 -10.63 0.52 -15.46
C ILE A 113 -11.16 -0.20 -14.24
N THR A 114 -11.82 0.52 -13.35
CA THR A 114 -12.27 -0.09 -12.10
C THR A 114 -13.74 0.17 -11.86
N GLN A 115 -14.45 -0.87 -11.40
CA GLN A 115 -15.81 -0.71 -10.89
C GLN A 115 -15.82 -0.15 -9.45
N ASN A 116 -14.67 -0.17 -8.78
CA ASN A 116 -14.58 0.16 -7.36
C ASN A 116 -14.64 1.65 -7.09
N ILE A 117 -15.35 2.04 -6.05
CA ILE A 117 -15.57 3.48 -5.73
C ILE A 117 -14.78 3.96 -4.51
N ASP A 118 -13.90 3.11 -4.00
CA ASP A 118 -13.18 3.36 -2.73
C ASP A 118 -11.91 4.19 -2.87
N GLU A 119 -11.49 4.46 -4.11
CA GLU A 119 -10.24 5.19 -4.41
C GLU A 119 -8.93 4.46 -3.98
N LEU A 120 -9.01 3.15 -3.72
CA LEU A 120 -7.82 2.40 -3.27
C LEU A 120 -6.69 2.38 -4.30
N HIS A 121 -7.04 2.36 -5.58
CA HIS A 121 -6.03 2.46 -6.62
C HIS A 121 -5.27 3.81 -6.55
N HIS A 122 -5.97 4.90 -6.28
N HIS A 122 -5.97 4.91 -6.29
CA HIS A 122 -5.37 6.24 -6.22
CA HIS A 122 -5.35 6.26 -6.21
C HIS A 122 -4.45 6.38 -4.99
C HIS A 122 -4.44 6.38 -4.99
N ARG A 123 -4.87 5.80 -3.87
CA ARG A 123 -4.06 5.74 -2.65
C ARG A 123 -2.80 4.86 -2.80
N ALA A 124 -2.91 3.83 -3.64
CA ALA A 124 -1.79 2.91 -3.93
C ALA A 124 -0.67 3.55 -4.72
N GLY A 125 -1.01 4.60 -5.46
CA GLY A 125 -0.06 5.30 -6.33
C GLY A 125 -0.44 5.27 -7.79
N SER A 126 -1.44 4.47 -8.17
CA SER A 126 -1.92 4.47 -9.56
C SER A 126 -2.37 5.88 -10.00
N LYS A 127 -2.08 6.21 -11.26
CA LYS A 127 -2.31 7.56 -11.82
C LYS A 127 -3.34 7.55 -12.95
N HIS A 128 -3.16 6.66 -13.93
CA HIS A 128 -4.06 6.54 -15.06
C HIS A 128 -5.18 5.55 -14.72
N VAL A 129 -6.21 6.07 -14.05
CA VAL A 129 -7.34 5.28 -13.56
C VAL A 129 -8.62 5.77 -14.21
N TYR A 130 -9.54 4.84 -14.41
CA TYR A 130 -10.88 5.15 -14.91
C TYR A 130 -11.89 4.55 -13.93
N GLU A 131 -12.58 5.42 -13.20
CA GLU A 131 -13.59 5.04 -12.22
C GLU A 131 -14.98 5.02 -12.87
N ILE A 132 -15.36 3.87 -13.43
CA ILE A 132 -16.61 3.77 -14.20
C ILE A 132 -17.90 3.83 -13.37
N HIS A 133 -17.81 3.63 -12.06
CA HIS A 133 -18.95 3.83 -11.16
C HIS A 133 -18.78 5.06 -10.28
N GLY A 134 -17.82 5.93 -10.58
CA GLY A 134 -17.53 7.10 -9.74
C GLY A 134 -16.78 6.78 -8.45
N SER A 135 -16.92 7.66 -7.45
CA SER A 135 -16.13 7.59 -6.19
C SER A 135 -16.91 8.02 -4.94
N LEU A 136 -16.72 7.28 -3.84
CA LEU A 136 -17.26 7.69 -2.53
C LEU A 136 -16.83 9.09 -2.15
N PHE A 137 -15.60 9.46 -2.54
CA PHE A 137 -15.02 10.75 -2.20
C PHE A 137 -15.08 11.74 -3.36
N LYS A 138 -16.20 11.73 -4.08
CA LYS A 138 -16.62 12.86 -4.90
C LYS A 138 -18.11 13.10 -4.68
N THR A 139 -18.50 14.37 -4.71
CA THR A 139 -19.88 14.80 -4.61
C THR A 139 -20.34 15.37 -5.94
N ARG A 140 -21.53 15.00 -6.38
CA ARG A 140 -22.20 15.72 -7.45
C ARG A 140 -23.35 16.52 -6.84
N CYS A 141 -23.46 17.78 -7.25
CA CYS A 141 -24.52 18.68 -6.82
C CYS A 141 -25.77 18.39 -7.63
N MET A 142 -26.92 18.37 -6.96
CA MET A 142 -28.20 18.11 -7.63
C MET A 142 -28.69 19.31 -8.46
N SER A 143 -28.43 20.54 -8.01
CA SER A 143 -28.77 21.75 -8.78
C SER A 143 -27.87 21.93 -9.99
N CYS A 144 -26.63 22.37 -9.75
CA CYS A 144 -25.73 22.85 -10.81
C CYS A 144 -24.86 21.76 -11.47
N GLY A 145 -24.74 20.60 -10.83
CA GLY A 145 -24.03 19.45 -11.41
C GLY A 145 -22.51 19.39 -11.26
N GLU A 146 -21.93 20.31 -10.49
CA GLU A 146 -20.48 20.36 -10.26
C GLU A 146 -20.03 19.11 -9.53
N VAL A 147 -18.84 18.64 -9.91
CA VAL A 147 -18.22 17.50 -9.28
C VAL A 147 -17.02 18.05 -8.51
N LYS A 148 -16.95 17.71 -7.23
CA LYS A 148 -15.82 18.09 -6.38
C LYS A 148 -15.30 16.86 -5.62
N ALA A 149 -13.99 16.76 -5.49
CA ALA A 149 -13.38 15.80 -4.56
C ALA A 149 -13.69 16.26 -3.15
N ASN A 150 -13.95 15.31 -2.27
CA ASN A 150 -14.33 15.62 -0.89
C ASN A 150 -13.95 14.46 0.02
N HIS A 151 -12.87 14.65 0.79
CA HIS A 151 -12.42 13.68 1.80
C HIS A 151 -12.64 14.16 3.23
N LYS A 152 -13.32 15.30 3.37
CA LYS A 152 -13.65 15.90 4.67
C LYS A 152 -14.35 14.85 5.54
N SER A 153 -13.85 14.69 6.76
CA SER A 153 -14.42 13.76 7.73
C SER A 153 -14.76 14.53 9.01
N PRO A 154 -16.03 14.63 9.41
CA PRO A 154 -17.19 14.14 8.68
C PRO A 154 -17.59 15.08 7.53
N ILE A 155 -18.13 14.52 6.44
CA ILE A 155 -18.50 15.31 5.24
C ILE A 155 -19.29 16.58 5.57
N CYS A 156 -20.22 16.48 6.51
CA CYS A 156 -20.95 17.62 7.06
C CYS A 156 -21.20 17.39 8.56
N PRO A 157 -21.24 18.48 9.36
CA PRO A 157 -21.45 18.41 10.83
C PRO A 157 -22.56 17.45 11.27
N ALA A 158 -23.73 17.58 10.66
CA ALA A 158 -24.92 16.80 11.06
C ALA A 158 -24.77 15.28 10.95
N LEU A 159 -23.80 14.81 10.17
CA LEU A 159 -23.51 13.39 10.04
C LEU A 159 -22.46 12.86 11.04
N ASP A 160 -21.92 13.71 11.91
CA ASP A 160 -20.83 13.26 12.81
C ASP A 160 -21.34 12.17 13.75
N GLY A 161 -20.64 11.05 13.79
CA GLY A 161 -21.06 9.89 14.57
C GLY A 161 -22.25 9.11 14.02
N LYS A 162 -22.80 9.56 12.89
CA LYS A 162 -24.01 8.98 12.33
C LYS A 162 -23.61 7.84 11.39
N GLY A 163 -24.61 7.23 10.76
CA GLY A 163 -24.40 6.11 9.84
C GLY A 163 -23.93 4.82 10.50
N ALA A 164 -24.25 4.64 11.78
CA ALA A 164 -23.83 3.45 12.49
C ALA A 164 -24.46 2.21 11.82
N PRO A 165 -23.71 1.10 11.71
CA PRO A 165 -24.20 -0.08 11.02
C PRO A 165 -25.13 -1.04 11.79
N ASP A 166 -25.34 -0.81 13.09
CA ASP A 166 -26.19 -1.70 13.91
C ASP A 166 -27.67 -1.57 13.49
N PRO A 167 -28.32 -2.69 13.07
CA PRO A 167 -29.71 -2.63 12.54
C PRO A 167 -30.75 -1.91 13.39
N ASN A 168 -30.50 -1.76 14.70
CA ASN A 168 -31.36 -1.01 15.60
C ASN A 168 -30.69 0.27 16.06
N THR A 169 -30.27 1.10 15.10
CA THR A 169 -29.77 2.43 15.41
C THR A 169 -30.84 3.44 15.09
N LYS A 170 -30.90 4.49 15.90
CA LYS A 170 -31.84 5.58 15.67
C LYS A 170 -31.41 6.24 14.38
N GLU A 171 -32.35 6.43 13.48
CA GLU A 171 -32.08 7.15 12.23
C GLU A 171 -31.71 8.59 12.56
N ALA A 172 -30.71 9.09 11.84
CA ALA A 172 -30.25 10.47 12.00
C ALA A 172 -31.36 11.44 11.64
N ARG A 173 -32.16 11.10 10.61
CA ARG A 173 -33.37 11.84 10.23
C ARG A 173 -33.04 13.33 10.07
N ILE A 174 -31.98 13.60 9.32
CA ILE A 174 -31.40 14.92 9.23
C ILE A 174 -32.25 15.81 8.30
N PRO A 175 -32.62 17.02 8.77
CA PRO A 175 -33.19 18.02 7.88
C PRO A 175 -32.37 18.21 6.63
N VAL A 176 -33.02 18.18 5.47
CA VAL A 176 -32.31 18.16 4.18
C VAL A 176 -31.38 19.38 4.00
N GLU A 177 -31.78 20.55 4.49
CA GLU A 177 -30.93 21.74 4.41
C GLU A 177 -29.62 21.67 5.21
N LEU A 178 -29.51 20.67 6.11
CA LEU A 178 -28.28 20.40 6.87
C LEU A 178 -27.49 19.17 6.38
N LEU A 179 -28.00 18.46 5.39
CA LEU A 179 -27.18 17.44 4.68
C LEU A 179 -26.12 18.18 3.85
N PRO A 180 -25.15 17.44 3.27
CA PRO A 180 -24.09 18.16 2.55
C PRO A 180 -24.62 19.04 1.43
N ARG A 181 -24.33 20.33 1.49
CA ARG A 181 -24.75 21.30 0.48
C ARG A 181 -23.57 21.82 -0.33
N CYS A 182 -23.92 22.45 -1.45
CA CYS A 182 -22.97 22.90 -2.44
C CYS A 182 -22.29 24.20 -2.00
N GLU A 183 -20.97 24.17 -1.84
CA GLU A 183 -20.22 25.32 -1.29
C GLU A 183 -20.27 26.60 -2.17
N ARG A 184 -20.55 26.46 -3.46
CA ARG A 184 -20.70 27.62 -4.35
C ARG A 184 -21.98 28.36 -3.98
N LYS A 185 -21.77 29.56 -3.41
CA LYS A 185 -22.73 30.20 -2.50
C LYS A 185 -24.12 30.52 -3.09
N SER A 186 -24.16 30.95 -4.35
CA SER A 186 -25.44 31.22 -5.01
C SER A 186 -26.29 29.97 -5.27
N CYS A 187 -25.71 28.77 -5.10
CA CYS A 187 -26.40 27.50 -5.37
C CYS A 187 -27.08 26.87 -4.16
N ASN A 188 -26.28 26.48 -3.17
CA ASN A 188 -26.73 25.72 -2.00
C ASN A 188 -27.52 24.45 -2.31
N GLY A 189 -27.23 23.81 -3.43
CA GLY A 189 -27.89 22.56 -3.80
C GLY A 189 -27.51 21.39 -2.89
N LEU A 190 -28.44 20.44 -2.76
CA LEU A 190 -28.18 19.17 -2.07
C LEU A 190 -27.15 18.39 -2.86
N LEU A 191 -26.13 17.87 -2.20
CA LEU A 191 -25.15 17.04 -2.87
C LEU A 191 -25.53 15.57 -2.73
N ARG A 192 -24.89 14.74 -3.57
CA ARG A 192 -25.03 13.31 -3.50
C ARG A 192 -23.67 12.69 -3.80
N PRO A 193 -23.46 11.43 -3.39
CA PRO A 193 -22.22 10.78 -3.79
C PRO A 193 -22.12 10.68 -5.30
N HIS A 194 -21.02 11.12 -5.90
CA HIS A 194 -20.79 10.92 -7.34
C HIS A 194 -20.53 9.43 -7.62
N VAL A 195 -21.60 8.67 -7.53
CA VAL A 195 -21.57 7.21 -7.60
C VAL A 195 -22.63 6.83 -8.62
N VAL A 196 -22.45 5.68 -9.27
CA VAL A 196 -23.43 5.20 -10.22
C VAL A 196 -24.37 4.22 -9.51
N TRP A 197 -25.59 4.68 -9.28
CA TRP A 197 -26.61 3.89 -8.59
C TRP A 197 -27.35 2.94 -9.53
N PHE A 198 -27.99 1.91 -8.95
CA PHE A 198 -28.82 0.98 -9.71
C PHE A 198 -29.90 1.76 -10.43
N GLY A 199 -30.06 1.48 -11.73
CA GLY A 199 -31.00 2.21 -12.57
C GLY A 199 -30.48 3.51 -13.19
N GLU A 200 -29.22 3.87 -12.96
CA GLU A 200 -28.60 5.00 -13.66
C GLU A 200 -27.66 4.45 -14.73
N THR A 201 -27.20 5.33 -15.63
CA THR A 201 -26.29 4.91 -16.70
C THR A 201 -24.87 5.32 -16.41
N LEU A 202 -23.96 4.63 -17.09
CA LEU A 202 -22.56 5.00 -17.13
C LEU A 202 -22.38 6.30 -17.92
N ASP A 203 -21.30 7.00 -17.63
CA ASP A 203 -20.93 8.23 -18.33
C ASP A 203 -20.44 7.91 -19.75
N SER A 204 -21.01 8.57 -20.74
CA SER A 204 -20.64 8.34 -22.16
C SER A 204 -19.19 8.70 -22.50
N ASP A 205 -18.69 9.80 -21.94
CA ASP A 205 -17.29 10.21 -22.14
C ASP A 205 -16.28 9.20 -21.58
N ILE A 206 -16.61 8.57 -20.44
CA ILE A 206 -15.72 7.57 -19.84
C ILE A 206 -15.72 6.32 -20.73
N LEU A 207 -16.90 5.83 -21.12
CA LEU A 207 -17.00 4.64 -21.96
C LEU A 207 -16.24 4.77 -23.29
N THR A 208 -16.28 5.95 -23.89
CA THR A 208 -15.51 6.23 -25.11
C THR A 208 -14.03 6.09 -24.85
N ALA A 209 -13.53 6.82 -23.85
CA ALA A 209 -12.11 6.75 -23.41
C ALA A 209 -11.63 5.33 -23.12
N VAL A 210 -12.49 4.54 -22.50
CA VAL A 210 -12.18 3.14 -22.19
C VAL A 210 -12.18 2.29 -23.45
N GLU A 211 -13.13 2.53 -24.35
CA GLU A 211 -13.12 1.88 -25.65
C GLU A 211 -11.79 2.12 -26.35
N ARG A 212 -11.37 3.39 -26.40
CA ARG A 212 -10.08 3.78 -26.99
C ARG A 212 -8.92 3.03 -26.33
N GLU A 213 -8.85 3.06 -25.00
CA GLU A 213 -7.77 2.37 -24.28
C GLU A 213 -7.78 0.87 -24.56
N LEU A 214 -8.96 0.26 -24.53
CA LEU A 214 -9.09 -1.20 -24.72
C LEU A 214 -8.84 -1.66 -26.16
N GLU A 215 -9.02 -0.76 -27.13
CA GLU A 215 -8.59 -1.00 -28.51
C GLU A 215 -7.06 -0.87 -28.64
N LYS A 216 -6.46 0.12 -27.98
CA LYS A 216 -4.99 0.28 -27.92
C LYS A 216 -4.25 -0.94 -27.33
N CYS A 217 -4.86 -1.63 -26.36
CA CYS A 217 -4.11 -2.48 -25.45
C CYS A 217 -3.67 -3.76 -26.12
N ASP A 218 -2.56 -4.34 -25.67
CA ASP A 218 -2.07 -5.63 -26.18
C ASP A 218 -1.84 -6.70 -25.09
N LEU A 219 -2.47 -6.49 -23.93
CA LEU A 219 -2.50 -7.45 -22.85
C LEU A 219 -3.51 -6.90 -21.86
N CYS A 220 -4.54 -7.66 -21.55
CA CYS A 220 -5.61 -7.20 -20.70
C CYS A 220 -5.70 -8.07 -19.47
N LEU A 221 -5.70 -7.45 -18.30
CA LEU A 221 -5.80 -8.17 -17.05
C LEU A 221 -7.17 -7.94 -16.47
N VAL A 222 -7.70 -8.97 -15.82
CA VAL A 222 -8.95 -8.90 -15.08
C VAL A 222 -8.64 -9.35 -13.66
N VAL A 223 -8.93 -8.49 -12.69
CA VAL A 223 -8.59 -8.74 -11.29
C VAL A 223 -9.81 -8.45 -10.44
N GLY A 224 -10.18 -9.40 -9.59
CA GLY A 224 -11.33 -9.24 -8.68
C GLY A 224 -12.73 -9.48 -9.26
N THR A 225 -12.78 -9.97 -10.50
CA THR A 225 -14.05 -10.27 -11.18
C THR A 225 -13.75 -11.27 -12.31
N SER A 226 -14.74 -11.60 -13.13
CA SER A 226 -14.53 -12.46 -14.31
C SER A 226 -15.03 -11.76 -15.56
N SER A 227 -14.56 -12.24 -16.72
CA SER A 227 -14.91 -11.68 -18.02
C SER A 227 -16.35 -11.99 -18.44
N ILE A 228 -16.93 -13.05 -17.87
CA ILE A 228 -18.33 -13.40 -18.15
C ILE A 228 -19.28 -12.33 -17.58
N VAL A 229 -18.94 -11.80 -16.40
CA VAL A 229 -19.82 -10.91 -15.65
C VAL A 229 -19.47 -9.45 -15.90
N TYR A 230 -20.47 -8.59 -15.73
CA TYR A 230 -20.28 -7.13 -15.73
C TYR A 230 -19.20 -6.70 -14.72
N PRO A 231 -18.38 -5.67 -15.01
CA PRO A 231 -18.40 -4.89 -16.27
C PRO A 231 -17.42 -5.39 -17.34
N ALA A 232 -16.60 -6.38 -17.01
CA ALA A 232 -15.57 -6.88 -17.93
C ALA A 232 -16.15 -7.39 -19.25
N ALA A 233 -17.37 -7.93 -19.18
CA ALA A 233 -18.08 -8.48 -20.34
C ALA A 233 -18.41 -7.47 -21.44
N MET A 234 -18.51 -6.19 -21.11
CA MET A 234 -18.71 -5.15 -22.12
C MET A 234 -17.58 -5.05 -23.15
N PHE A 235 -16.34 -5.20 -22.69
CA PHE A 235 -15.17 -4.92 -23.51
C PHE A 235 -14.25 -6.08 -23.80
N ALA A 236 -14.16 -7.06 -22.90
CA ALA A 236 -13.28 -8.22 -23.11
C ALA A 236 -13.53 -8.97 -24.46
N PRO A 237 -14.76 -8.87 -25.03
CA PRO A 237 -14.97 -9.23 -26.45
C PRO A 237 -14.29 -8.31 -27.47
N GLN A 238 -14.27 -7.00 -27.21
CA GLN A 238 -13.49 -6.06 -28.03
C GLN A 238 -11.99 -6.40 -28.08
N VAL A 239 -11.42 -6.85 -26.95
CA VAL A 239 -9.98 -7.14 -26.90
C VAL A 239 -9.63 -8.56 -27.38
N ALA A 240 -10.42 -9.55 -26.98
CA ALA A 240 -10.14 -10.95 -27.35
C ALA A 240 -10.31 -11.21 -28.85
N SER A 241 -11.29 -10.54 -29.46
CA SER A 241 -11.53 -10.60 -30.91
C SER A 241 -10.35 -10.11 -31.78
N ARG A 242 -9.45 -9.28 -31.21
CA ARG A 242 -8.19 -8.90 -31.86
C ARG A 242 -7.02 -9.82 -31.49
N GLY A 243 -7.30 -10.99 -30.94
CA GLY A 243 -6.27 -11.94 -30.51
C GLY A 243 -5.42 -11.51 -29.32
N VAL A 244 -5.91 -10.55 -28.54
CA VAL A 244 -5.16 -10.02 -27.40
C VAL A 244 -5.32 -10.98 -26.22
N PRO A 245 -4.21 -11.32 -25.53
CA PRO A 245 -4.37 -12.26 -24.42
C PRO A 245 -5.01 -11.60 -23.20
N VAL A 246 -5.91 -12.35 -22.56
CA VAL A 246 -6.63 -11.89 -21.40
C VAL A 246 -6.26 -12.80 -20.23
N ALA A 247 -5.95 -12.19 -19.10
CA ALA A 247 -5.53 -12.90 -17.88
C ALA A 247 -6.44 -12.53 -16.70
N GLU A 248 -7.11 -13.53 -16.13
CA GLU A 248 -7.94 -13.34 -14.92
C GLU A 248 -7.18 -13.67 -13.62
N PHE A 249 -7.30 -12.80 -12.61
CA PHE A 249 -6.72 -13.01 -11.27
C PHE A 249 -7.86 -12.88 -10.27
N ASN A 250 -8.63 -13.95 -10.13
CA ASN A 250 -9.84 -13.97 -9.30
C ASN A 250 -9.86 -15.22 -8.44
N MET A 251 -10.91 -15.36 -7.64
CA MET A 251 -11.03 -16.46 -6.68
C MET A 251 -11.89 -17.63 -7.15
N GLU A 252 -12.72 -17.42 -8.17
CA GLU A 252 -13.49 -18.51 -8.77
C GLU A 252 -12.54 -19.48 -9.47
N CYS A 253 -12.91 -20.76 -9.50
CA CYS A 253 -12.23 -21.80 -10.28
C CYS A 253 -12.76 -21.82 -11.70
N THR A 254 -12.11 -22.58 -12.57
CA THR A 254 -12.63 -22.87 -13.92
C THR A 254 -12.95 -24.39 -14.01
N PRO A 255 -13.63 -24.84 -15.09
CA PRO A 255 -14.02 -26.25 -15.25
C PRO A 255 -12.95 -27.33 -15.08
N ALA A 256 -13.40 -28.58 -14.98
CA ALA A 256 -12.52 -29.75 -14.82
C ALA A 256 -11.55 -29.94 -16.00
N THR A 257 -12.03 -29.69 -17.22
CA THR A 257 -11.20 -29.80 -18.45
C THR A 257 -11.01 -28.48 -19.20
N GLN A 258 -12.10 -27.74 -19.42
CA GLN A 258 -12.06 -26.50 -20.22
C GLN A 258 -11.42 -25.35 -19.45
N ARG A 259 -10.11 -25.15 -19.67
CA ARG A 259 -9.36 -24.11 -18.96
C ARG A 259 -9.60 -22.74 -19.61
N PHE A 260 -9.17 -21.68 -18.92
CA PHE A 260 -9.06 -20.34 -19.48
C PHE A 260 -7.68 -20.28 -20.18
N LYS A 261 -7.49 -19.35 -21.10
CA LYS A 261 -6.17 -19.05 -21.70
C LYS A 261 -5.08 -18.65 -20.67
N TYR A 262 -5.38 -17.68 -19.79
CA TYR A 262 -4.62 -17.45 -18.56
C TYR A 262 -5.57 -17.13 -17.39
N HIS A 263 -5.50 -17.92 -16.33
CA HIS A 263 -6.35 -17.73 -15.16
C HIS A 263 -5.60 -18.19 -13.93
N PHE A 264 -5.47 -17.31 -12.95
CA PHE A 264 -4.67 -17.56 -11.76
C PHE A 264 -5.59 -17.49 -10.57
N GLU A 265 -5.98 -18.69 -10.12
CA GLU A 265 -6.89 -18.84 -8.99
C GLU A 265 -6.17 -18.45 -7.71
N GLY A 266 -6.93 -17.91 -6.76
CA GLY A 266 -6.41 -17.49 -5.45
C GLY A 266 -6.58 -16.01 -5.19
N PRO A 267 -6.15 -15.54 -4.00
CA PRO A 267 -6.26 -14.11 -3.66
C PRO A 267 -5.32 -13.21 -4.48
N CYS A 268 -5.88 -12.10 -4.98
CA CYS A 268 -5.13 -11.11 -5.78
C CYS A 268 -3.88 -10.58 -5.10
N GLY A 269 -3.91 -10.49 -3.77
CA GLY A 269 -2.76 -10.08 -2.96
C GLY A 269 -1.54 -10.98 -3.09
N SER A 270 -1.76 -12.26 -3.38
CA SER A 270 -0.68 -13.24 -3.57
C SER A 270 -0.38 -13.51 -5.04
N THR A 271 -1.41 -13.63 -5.87
CA THR A 271 -1.23 -13.98 -7.26
C THR A 271 -0.53 -12.87 -8.06
N LEU A 272 -1.03 -11.64 -7.94
CA LEU A 272 -0.66 -10.55 -8.85
C LEU A 272 0.79 -10.02 -8.69
N PRO A 273 1.26 -9.75 -7.46
CA PRO A 273 2.60 -9.14 -7.31
C PRO A 273 3.80 -9.93 -7.86
N PRO A 274 3.80 -11.28 -7.74
CA PRO A 274 4.71 -12.13 -8.52
C PRO A 274 4.58 -11.99 -10.03
N ALA A 275 3.35 -11.89 -10.52
CA ALA A 275 3.09 -11.76 -11.96
C ALA A 275 3.68 -10.49 -12.59
N LEU A 276 3.62 -9.37 -11.88
CA LEU A 276 3.98 -8.06 -12.43
C LEU A 276 5.41 -7.55 -12.12
N GLU A 277 6.24 -8.36 -11.44
CA GLU A 277 7.58 -7.93 -10.99
C GLU A 277 8.57 -7.70 -12.16
N SER B 12 -1.78 -0.66 29.92
CA SER B 12 -3.12 -0.44 29.27
C SER B 12 -3.24 -1.14 27.92
N SER B 13 -4.48 -1.50 27.58
CA SER B 13 -4.83 -1.95 26.24
C SER B 13 -6.12 -1.23 25.77
N ASP B 14 -6.36 -0.02 26.30
CA ASP B 14 -7.56 0.77 25.96
C ASP B 14 -7.21 1.68 24.78
N LEU B 15 -7.85 1.42 23.63
CA LEU B 15 -7.57 2.14 22.39
C LEU B 15 -8.06 3.59 22.42
N THR B 16 -9.22 3.81 23.03
CA THR B 16 -9.81 5.15 23.13
C THR B 16 -8.97 6.13 23.99
N ALA B 17 -8.27 5.60 25.00
CA ALA B 17 -7.33 6.40 25.79
C ALA B 17 -6.11 6.82 24.97
N PHE B 18 -5.63 5.91 24.12
CA PHE B 18 -4.56 6.23 23.16
C PHE B 18 -5.02 7.29 22.14
N ARG B 19 -6.25 7.14 21.64
CA ARG B 19 -6.83 8.10 20.66
C ARG B 19 -6.80 9.54 21.16
N GLU B 20 -7.12 9.74 22.44
CA GLU B 20 -7.09 11.07 23.05
C GLU B 20 -5.70 11.71 22.96
N HIS B 21 -4.66 10.94 23.25
CA HIS B 21 -3.29 11.44 23.08
C HIS B 21 -2.98 11.73 21.62
N PHE B 22 -3.29 10.78 20.76
CA PHE B 22 -3.14 10.91 19.30
C PHE B 22 -3.84 12.14 18.73
N ALA B 23 -4.99 12.50 19.32
CA ALA B 23 -5.73 13.72 18.95
C ALA B 23 -4.96 15.00 19.30
N LYS B 24 -4.37 15.03 20.49
CA LYS B 24 -3.62 16.21 20.98
C LYS B 24 -2.17 16.29 20.47
N ALA B 25 -1.60 15.16 20.07
CA ALA B 25 -0.16 15.06 19.78
C ALA B 25 0.26 15.89 18.57
N LYS B 26 1.20 16.82 18.76
CA LYS B 26 1.69 17.68 17.69
C LYS B 26 2.99 17.21 17.02
N HIS B 27 3.75 16.36 17.70
CA HIS B 27 5.02 15.82 17.16
C HIS B 27 5.09 14.33 17.49
N ILE B 28 4.76 13.48 16.51
CA ILE B 28 4.72 12.04 16.72
C ILE B 28 5.98 11.40 16.15
N ALA B 29 6.59 10.52 16.93
CA ALA B 29 7.75 9.75 16.50
C ALA B 29 7.35 8.29 16.46
N ILE B 30 7.55 7.66 15.30
CA ILE B 30 7.19 6.27 15.11
C ILE B 30 8.48 5.51 14.82
N ILE B 31 8.82 4.59 15.73
CA ILE B 31 10.00 3.75 15.62
C ILE B 31 9.52 2.42 15.07
N THR B 32 10.08 2.00 13.94
CA THR B 32 9.64 0.76 13.30
C THR B 32 10.78 -0.26 13.28
N GLY B 33 10.45 -1.48 13.67
CA GLY B 33 11.40 -2.58 13.70
C GLY B 33 11.13 -3.59 12.61
N ALA B 34 11.79 -4.74 12.74
CA ALA B 34 11.76 -5.78 11.72
C ALA B 34 10.40 -6.46 11.58
N GLY B 35 9.59 -6.41 12.63
CA GLY B 35 8.23 -6.93 12.58
C GLY B 35 7.39 -6.40 11.42
N VAL B 36 7.61 -5.14 11.05
CA VAL B 36 6.85 -4.51 9.98
C VAL B 36 7.31 -5.04 8.61
N SER B 37 8.62 -5.14 8.41
CA SER B 37 9.17 -5.77 7.21
C SER B 37 8.78 -7.24 7.13
N ALA B 38 8.73 -7.90 8.29
CA ALA B 38 8.31 -9.31 8.34
C ALA B 38 6.91 -9.52 7.79
N GLU B 39 5.98 -8.63 8.14
CA GLU B 39 4.59 -8.69 7.66
C GLU B 39 4.42 -8.48 6.15
N SER B 40 5.41 -7.89 5.48
CA SER B 40 5.44 -7.79 4.03
C SER B 40 6.09 -8.99 3.32
N GLY B 41 6.65 -9.92 4.11
CA GLY B 41 7.29 -11.12 3.57
C GLY B 41 8.77 -10.96 3.27
N VAL B 42 9.35 -9.82 3.68
CA VAL B 42 10.78 -9.54 3.42
C VAL B 42 11.64 -10.59 4.13
N PRO B 43 12.50 -11.27 3.37
CA PRO B 43 13.23 -12.38 3.98
C PRO B 43 14.18 -11.91 5.08
N THR B 44 14.02 -12.51 6.25
CA THR B 44 15.01 -12.41 7.32
C THR B 44 16.00 -13.56 7.14
N PHE B 45 17.29 -13.26 7.30
CA PHE B 45 18.33 -14.27 7.25
C PHE B 45 19.00 -14.45 8.61
N ARG B 46 18.26 -14.14 9.68
CA ARG B 46 18.68 -14.36 11.07
C ARG B 46 18.20 -15.73 11.54
N GLY B 47 16.88 -15.95 11.45
CA GLY B 47 16.22 -17.11 12.05
C GLY B 47 16.67 -18.49 11.57
N PRO B 48 16.16 -19.56 12.20
CA PRO B 48 16.61 -20.93 11.93
C PRO B 48 16.34 -21.42 10.49
N GLY B 49 15.14 -21.16 9.99
CA GLY B 49 14.79 -21.48 8.60
C GLY B 49 15.50 -20.64 7.57
N GLY B 50 15.87 -19.40 7.94
CA GLY B 50 16.42 -18.42 6.99
C GLY B 50 17.92 -18.51 6.77
N PHE B 51 18.35 -19.42 5.90
CA PHE B 51 19.73 -19.47 5.41
C PHE B 51 19.74 -18.92 3.99
N TRP B 52 20.86 -18.37 3.56
CA TRP B 52 21.11 -18.03 2.15
C TRP B 52 22.32 -18.85 1.71
N ARG B 53 22.06 -19.89 0.92
CA ARG B 53 23.06 -20.93 0.64
C ARG B 53 23.51 -21.59 1.97
N LYS B 54 24.82 -21.71 2.22
CA LYS B 54 25.31 -22.24 3.50
C LYS B 54 25.12 -21.26 4.66
N TRP B 55 25.09 -19.96 4.35
CA TRP B 55 25.32 -18.90 5.34
C TRP B 55 24.05 -18.23 5.86
N GLN B 56 24.19 -17.53 7.00
CA GLN B 56 23.17 -16.63 7.53
C GLN B 56 23.67 -15.18 7.40
N ALA B 57 22.86 -14.21 7.79
CA ALA B 57 23.23 -12.78 7.74
C ALA B 57 24.52 -12.46 8.52
N GLN B 58 24.63 -13.03 9.73
CA GLN B 58 25.83 -12.90 10.58
C GLN B 58 27.18 -13.14 9.88
N ASP B 59 27.22 -14.10 8.96
CA ASP B 59 28.44 -14.51 8.28
C ASP B 59 28.81 -13.56 7.14
N LEU B 60 27.81 -12.94 6.52
CA LEU B 60 28.01 -12.12 5.31
C LEU B 60 27.85 -10.60 5.51
N ALA B 61 27.21 -10.19 6.61
CA ALA B 61 26.93 -8.79 6.88
C ALA B 61 27.95 -8.19 7.85
N THR B 62 29.23 -8.28 7.47
CA THR B 62 30.34 -7.76 8.27
C THR B 62 31.33 -7.12 7.33
N PRO B 63 32.16 -6.18 7.82
CA PRO B 63 33.19 -5.64 6.93
C PRO B 63 34.34 -6.62 6.64
N GLU B 64 34.53 -7.62 7.51
CA GLU B 64 35.47 -8.72 7.25
C GLU B 64 35.05 -9.43 5.97
N ALA B 65 33.79 -9.85 5.94
CA ALA B 65 33.22 -10.59 4.80
C ALA B 65 33.33 -9.84 3.47
N PHE B 66 33.28 -8.50 3.52
CA PHE B 66 33.49 -7.68 2.32
C PHE B 66 34.97 -7.48 1.95
N SER B 67 35.88 -7.74 2.90
CA SER B 67 37.31 -7.80 2.61
C SER B 67 37.71 -9.21 2.15
N ARG B 68 37.17 -10.23 2.81
CA ARG B 68 37.45 -11.64 2.50
C ARG B 68 36.87 -12.14 1.17
N ASP B 69 35.76 -11.57 0.70
CA ASP B 69 35.03 -12.08 -0.47
C ASP B 69 33.99 -11.06 -1.01
N PRO B 70 34.44 -9.90 -1.54
CA PRO B 70 33.49 -8.87 -2.02
C PRO B 70 32.51 -9.30 -3.12
N SER B 71 32.83 -10.35 -3.86
CA SER B 71 31.88 -10.97 -4.78
C SER B 71 30.76 -11.64 -4.00
N LEU B 72 31.08 -12.69 -3.24
CA LEU B 72 30.09 -13.49 -2.49
C LEU B 72 29.09 -12.64 -1.68
N VAL B 73 29.59 -11.53 -1.10
CA VAL B 73 28.74 -10.58 -0.38
C VAL B 73 27.80 -9.87 -1.35
N TRP B 74 28.34 -9.29 -2.41
CA TRP B 74 27.48 -8.59 -3.38
C TRP B 74 26.37 -9.47 -3.97
N GLU B 75 26.63 -10.78 -4.14
CA GLU B 75 25.58 -11.75 -4.50
C GLU B 75 24.43 -11.74 -3.50
N PHE B 76 24.79 -11.82 -2.22
CA PHE B 76 23.83 -11.78 -1.11
C PHE B 76 23.00 -10.49 -1.16
N TYR B 77 23.67 -9.34 -1.20
CA TYR B 77 22.97 -8.04 -1.23
C TYR B 77 22.24 -7.76 -2.54
N HIS B 78 22.64 -8.46 -3.61
CA HIS B 78 21.89 -8.44 -4.86
C HIS B 78 20.56 -9.13 -4.64
N TYR B 79 20.61 -10.38 -4.19
CA TYR B 79 19.40 -11.17 -3.96
C TYR B 79 18.39 -10.45 -3.07
N ARG B 80 18.91 -9.75 -2.06
CA ARG B 80 18.07 -8.96 -1.17
C ARG B 80 17.46 -7.76 -1.89
N ARG B 81 18.28 -7.08 -2.70
CA ARG B 81 17.79 -5.98 -3.57
C ARG B 81 16.69 -6.41 -4.52
N GLU B 82 16.79 -7.64 -5.04
CA GLU B 82 15.91 -8.13 -6.11
C GLU B 82 14.61 -8.74 -5.62
N VAL B 83 14.63 -9.44 -4.48
CA VAL B 83 13.38 -9.96 -3.93
C VAL B 83 12.42 -8.86 -3.46
N MET B 84 12.90 -7.63 -3.27
CA MET B 84 12.02 -6.49 -2.96
C MET B 84 11.02 -6.13 -4.06
N ARG B 85 11.31 -6.54 -5.29
CA ARG B 85 10.36 -6.36 -6.39
C ARG B 85 9.10 -7.22 -6.22
N SER B 86 9.20 -8.41 -5.61
CA SER B 86 8.01 -9.22 -5.34
C SER B 86 7.25 -8.78 -4.07
N LYS B 87 7.96 -8.20 -3.11
CA LYS B 87 7.38 -7.86 -1.80
C LYS B 87 6.84 -6.41 -1.72
N MET B 88 5.65 -6.25 -1.14
CA MET B 88 4.93 -4.98 -1.14
C MET B 88 4.68 -4.47 0.30
N PRO B 89 4.56 -3.12 0.48
CA PRO B 89 4.21 -2.57 1.80
C PRO B 89 2.86 -3.06 2.30
N ASN B 90 2.83 -3.43 3.58
CA ASN B 90 1.62 -3.88 4.25
C ASN B 90 0.78 -2.67 4.71
N PRO B 91 -0.44 -2.93 5.22
CA PRO B 91 -1.30 -1.83 5.73
C PRO B 91 -0.68 -0.93 6.82
N ALA B 92 0.27 -1.46 7.60
CA ALA B 92 0.90 -0.68 8.66
C ALA B 92 1.78 0.42 8.05
N HIS B 93 2.61 0.05 7.09
CA HIS B 93 3.42 1.02 6.33
C HIS B 93 2.59 2.17 5.80
N LEU B 94 1.48 1.80 5.17
CA LEU B 94 0.62 2.76 4.45
C LEU B 94 -0.11 3.69 5.39
N ALA B 95 -0.60 3.15 6.50
CA ALA B 95 -1.31 3.93 7.52
C ALA B 95 -0.40 5.02 8.09
N ILE B 96 0.86 4.66 8.33
CA ILE B 96 1.88 5.61 8.77
C ILE B 96 2.08 6.72 7.75
N ALA B 97 2.28 6.34 6.49
CA ALA B 97 2.45 7.32 5.41
C ALA B 97 1.23 8.23 5.27
N GLU B 98 0.04 7.64 5.25
CA GLU B 98 -1.18 8.42 5.10
C GLU B 98 -1.48 9.26 6.34
N CYS B 99 -1.14 8.73 7.51
CA CYS B 99 -1.18 9.50 8.78
C CYS B 99 -0.25 10.71 8.74
N GLU B 100 1.00 10.50 8.34
CA GLU B 100 1.97 11.59 8.18
C GLU B 100 1.50 12.65 7.21
N ALA B 101 0.86 12.22 6.13
CA ALA B 101 0.32 13.13 5.10
C ALA B 101 -0.82 13.99 5.65
N ARG B 102 -1.81 13.34 6.27
CA ARG B 102 -2.96 14.02 6.88
C ARG B 102 -2.57 14.99 7.99
N LEU B 103 -1.66 14.56 8.87
CA LEU B 103 -1.18 15.43 9.97
C LEU B 103 -0.34 16.59 9.43
N GLY B 104 0.38 16.39 8.34
CA GLY B 104 1.16 17.45 7.69
C GLY B 104 0.36 18.71 7.35
N GLN B 105 -0.85 18.55 6.82
CA GLN B 105 -1.71 19.69 6.47
C GLN B 105 -2.42 20.33 7.65
N GLN B 106 -2.40 19.67 8.79
CA GLN B 106 -2.84 20.25 10.06
C GLN B 106 -1.70 20.99 10.79
N GLY B 107 -0.51 21.04 10.18
CA GLY B 107 0.69 21.62 10.81
C GLY B 107 1.37 20.74 11.85
N ARG B 108 1.15 19.43 11.78
CA ARG B 108 1.58 18.49 12.82
C ARG B 108 2.55 17.45 12.24
N SER B 109 3.74 17.35 12.83
CA SER B 109 4.78 16.45 12.30
C SER B 109 4.54 14.99 12.71
N VAL B 110 5.03 14.10 11.84
CA VAL B 110 5.10 12.66 12.10
C VAL B 110 6.41 12.17 11.47
N VAL B 111 7.33 11.66 12.29
CA VAL B 111 8.61 11.13 11.79
C VAL B 111 8.74 9.63 12.04
N ILE B 112 9.49 8.97 11.15
CA ILE B 112 9.72 7.55 11.21
C ILE B 112 11.21 7.31 11.47
N ILE B 113 11.50 6.45 12.44
CA ILE B 113 12.84 6.02 12.79
C ILE B 113 12.85 4.49 12.63
N THR B 114 13.50 4.02 11.59
CA THR B 114 13.35 2.63 11.17
C THR B 114 14.68 1.89 11.29
N GLN B 115 14.62 0.70 11.89
CA GLN B 115 15.70 -0.29 11.80
C GLN B 115 15.85 -0.86 10.39
N ASN B 116 14.80 -0.77 9.58
CA ASN B 116 14.66 -1.59 8.38
C ASN B 116 15.36 -0.94 7.20
N ILE B 117 15.96 -1.77 6.35
CA ILE B 117 16.84 -1.29 5.27
C ILE B 117 16.23 -1.47 3.86
N ASP B 118 14.91 -1.63 3.79
CA ASP B 118 14.22 -2.08 2.56
C ASP B 118 13.34 -1.00 1.90
N GLU B 119 13.43 0.23 2.39
CA GLU B 119 12.72 1.38 1.85
C GLU B 119 11.20 1.18 1.70
N LEU B 120 10.61 0.29 2.51
CA LEU B 120 9.17 0.05 2.42
C LEU B 120 8.35 1.24 2.96
N HIS B 121 8.94 2.06 3.82
CA HIS B 121 8.29 3.32 4.21
C HIS B 121 8.32 4.35 3.07
N HIS B 122 9.38 4.35 2.27
CA HIS B 122 9.50 5.22 1.09
C HIS B 122 8.46 4.84 0.04
N ARG B 123 8.32 3.54 -0.17
CA ARG B 123 7.37 3.02 -1.15
C ARG B 123 5.89 3.20 -0.74
N ALA B 124 5.62 3.22 0.55
CA ALA B 124 4.26 3.52 1.03
C ALA B 124 3.92 5.00 1.00
N GLY B 125 4.92 5.87 0.81
CA GLY B 125 4.69 7.31 0.69
C GLY B 125 5.10 8.17 1.87
N SER B 126 5.74 7.58 2.88
CA SER B 126 6.31 8.37 3.98
C SER B 126 7.47 9.24 3.46
N LYS B 127 7.63 10.43 4.04
CA LYS B 127 8.65 11.42 3.64
C LYS B 127 9.72 11.64 4.71
N HIS B 128 9.29 11.99 5.94
CA HIS B 128 10.23 12.23 7.06
C HIS B 128 10.61 10.89 7.69
N VAL B 129 11.55 10.19 7.03
CA VAL B 129 12.00 8.86 7.42
C VAL B 129 13.51 8.89 7.72
N TYR B 130 13.91 8.37 8.88
CA TYR B 130 15.32 8.19 9.22
C TYR B 130 15.66 6.72 9.11
N GLU B 131 16.54 6.34 8.16
CA GLU B 131 17.00 4.96 8.02
C GLU B 131 18.33 4.80 8.76
N ILE B 132 18.25 4.42 10.04
CA ILE B 132 19.44 4.39 10.90
C ILE B 132 20.40 3.26 10.56
N HIS B 133 19.88 2.15 10.04
CA HIS B 133 20.73 1.05 9.57
C HIS B 133 20.98 1.16 8.07
N GLY B 134 20.63 2.30 7.46
CA GLY B 134 20.88 2.51 6.04
C GLY B 134 19.83 1.87 5.14
N SER B 135 20.25 1.50 3.93
CA SER B 135 19.35 1.04 2.87
C SER B 135 20.05 0.09 1.88
N LEU B 136 19.32 -0.94 1.47
CA LEU B 136 19.75 -1.82 0.39
C LEU B 136 19.98 -1.07 -0.93
N PHE B 137 19.27 0.05 -1.11
CA PHE B 137 19.30 0.80 -2.38
C PHE B 137 20.06 2.11 -2.25
N LYS B 138 21.19 2.06 -1.52
CA LYS B 138 22.20 3.12 -1.49
C LYS B 138 23.58 2.50 -1.47
N THR B 139 24.57 3.21 -2.02
CA THR B 139 25.93 2.71 -2.16
C THR B 139 26.96 3.70 -1.61
N ARG B 140 27.85 3.21 -0.76
CA ARG B 140 28.98 3.99 -0.22
C ARG B 140 30.24 3.58 -0.96
N CYS B 141 31.04 4.56 -1.38
CA CYS B 141 32.31 4.29 -2.08
C CYS B 141 33.41 3.97 -1.05
N MET B 142 34.17 2.90 -1.28
CA MET B 142 35.26 2.51 -0.38
C MET B 142 36.43 3.52 -0.42
N SER B 143 36.59 4.21 -1.54
CA SER B 143 37.63 5.22 -1.72
C SER B 143 37.18 6.58 -1.23
N CYS B 144 36.19 7.19 -1.92
CA CYS B 144 35.84 8.61 -1.69
C CYS B 144 34.60 8.83 -0.81
N GLY B 145 33.96 7.75 -0.35
CA GLY B 145 32.82 7.84 0.58
C GLY B 145 31.50 8.40 0.08
N GLU B 146 31.33 8.48 -1.25
CA GLU B 146 30.11 9.03 -1.85
C GLU B 146 28.93 8.12 -1.56
N VAL B 147 27.79 8.73 -1.24
CA VAL B 147 26.56 8.03 -0.89
C VAL B 147 25.45 8.37 -1.91
N LYS B 148 25.30 7.54 -2.95
CA LYS B 148 24.28 7.74 -4.00
C LYS B 148 23.20 6.67 -3.97
N ALA B 149 21.96 7.09 -4.23
CA ALA B 149 20.84 6.17 -4.38
C ALA B 149 21.07 5.28 -5.60
N ASN B 150 20.51 4.08 -5.57
CA ASN B 150 20.73 3.10 -6.63
C ASN B 150 19.68 1.99 -6.57
N HIS B 151 18.73 2.05 -7.51
CA HIS B 151 17.67 1.06 -7.60
C HIS B 151 17.78 0.17 -8.83
N LYS B 152 18.94 0.22 -9.50
CA LYS B 152 19.15 -0.47 -10.78
C LYS B 152 19.09 -1.99 -10.61
N SER B 153 18.43 -2.64 -11.55
CA SER B 153 18.19 -4.09 -11.51
C SER B 153 18.55 -4.70 -12.88
N PRO B 154 19.72 -5.34 -13.02
CA PRO B 154 20.71 -5.56 -11.98
C PRO B 154 21.60 -4.33 -11.75
N ILE B 155 22.10 -4.20 -10.53
CA ILE B 155 22.91 -3.04 -10.10
C ILE B 155 24.11 -2.76 -11.02
N CYS B 156 24.78 -3.84 -11.45
CA CYS B 156 25.86 -3.79 -12.44
C CYS B 156 25.60 -4.91 -13.45
N PRO B 157 26.27 -4.85 -14.63
CA PRO B 157 26.03 -5.91 -15.64
C PRO B 157 26.42 -7.31 -15.18
N ALA B 158 27.59 -7.43 -14.55
CA ALA B 158 28.11 -8.73 -14.06
C ALA B 158 27.12 -9.53 -13.20
N LEU B 159 26.40 -8.82 -12.32
CA LEU B 159 25.49 -9.46 -11.35
C LEU B 159 24.11 -9.88 -11.91
N ASP B 160 23.85 -9.64 -13.19
CA ASP B 160 22.62 -10.12 -13.85
C ASP B 160 22.48 -11.64 -13.65
N GLY B 161 21.30 -12.05 -13.19
CA GLY B 161 21.00 -13.45 -12.86
C GLY B 161 21.83 -14.10 -11.76
N LYS B 162 22.43 -13.30 -10.88
CA LYS B 162 23.30 -13.84 -9.84
C LYS B 162 22.63 -13.82 -8.46
N GLY B 163 23.21 -14.61 -7.55
CA GLY B 163 22.81 -14.62 -6.16
C GLY B 163 21.63 -15.52 -5.83
N ALA B 164 21.51 -16.65 -6.55
CA ALA B 164 20.38 -17.56 -6.29
C ALA B 164 20.52 -18.16 -4.89
N PRO B 165 19.39 -18.35 -4.18
CA PRO B 165 19.43 -18.70 -2.76
C PRO B 165 19.71 -20.17 -2.41
N ASP B 166 19.77 -21.07 -3.40
CA ASP B 166 19.79 -22.51 -3.12
C ASP B 166 21.10 -23.00 -2.50
N PRO B 167 21.02 -23.95 -1.54
CA PRO B 167 22.21 -24.53 -0.87
C PRO B 167 23.40 -24.95 -1.78
N ASN B 168 23.11 -25.37 -3.01
CA ASN B 168 24.12 -25.93 -3.92
C ASN B 168 24.54 -24.96 -5.03
N THR B 169 24.10 -23.70 -4.96
CA THR B 169 24.22 -22.75 -6.07
C THR B 169 25.68 -22.47 -6.46
N LYS B 170 25.87 -22.08 -7.72
CA LYS B 170 27.19 -21.84 -8.30
C LYS B 170 27.72 -20.47 -7.82
N GLU B 171 28.95 -20.43 -7.29
CA GLU B 171 29.53 -19.19 -6.77
C GLU B 171 30.01 -18.27 -7.90
N ALA B 172 29.64 -17.00 -7.83
CA ALA B 172 29.84 -16.07 -8.95
C ALA B 172 31.28 -15.58 -9.14
N ARG B 173 32.13 -15.70 -8.12
CA ARG B 173 33.54 -15.26 -8.16
C ARG B 173 33.83 -14.13 -9.19
N ILE B 174 33.07 -13.05 -9.10
CA ILE B 174 33.21 -11.91 -10.02
C ILE B 174 34.51 -11.17 -9.68
N PRO B 175 35.33 -10.83 -10.69
CA PRO B 175 36.50 -9.97 -10.48
C PRO B 175 36.16 -8.61 -9.88
N VAL B 176 36.95 -8.17 -8.90
CA VAL B 176 36.73 -6.92 -8.16
C VAL B 176 36.45 -5.68 -9.04
N GLU B 177 37.12 -5.60 -10.19
CA GLU B 177 36.95 -4.46 -11.10
C GLU B 177 35.62 -4.46 -11.86
N LEU B 178 35.00 -5.63 -12.03
CA LEU B 178 33.65 -5.75 -12.64
C LEU B 178 32.48 -5.39 -11.71
N LEU B 179 32.68 -5.52 -10.40
CA LEU B 179 31.67 -5.16 -9.39
C LEU B 179 31.29 -3.65 -9.49
N PRO B 180 30.19 -3.23 -8.84
CA PRO B 180 29.71 -1.86 -9.07
C PRO B 180 30.73 -0.82 -8.64
N ARG B 181 31.09 0.08 -9.55
CA ARG B 181 32.13 1.08 -9.30
C ARG B 181 31.57 2.50 -9.30
N CYS B 182 32.37 3.41 -8.74
CA CYS B 182 32.04 4.83 -8.63
C CYS B 182 32.08 5.46 -10.02
N GLU B 183 30.94 6.02 -10.45
CA GLU B 183 30.86 6.70 -11.76
C GLU B 183 31.73 7.97 -11.88
N ARG B 184 32.03 8.60 -10.73
CA ARG B 184 33.02 9.68 -10.66
C ARG B 184 34.36 9.11 -11.16
N LYS B 185 34.85 9.65 -12.26
CA LYS B 185 35.93 9.00 -13.04
C LYS B 185 37.33 9.16 -12.41
N SER B 186 37.54 10.26 -11.67
CA SER B 186 38.78 10.46 -10.89
C SER B 186 38.92 9.54 -9.65
N CYS B 187 37.91 8.69 -9.41
CA CYS B 187 37.94 7.69 -8.35
C CYS B 187 37.91 6.28 -8.97
N ASN B 188 36.75 5.89 -9.51
CA ASN B 188 36.49 4.51 -9.92
C ASN B 188 36.74 3.50 -8.77
N GLY B 189 36.36 3.89 -7.56
CA GLY B 189 36.54 3.06 -6.36
C GLY B 189 35.40 2.08 -6.22
N LEU B 190 35.65 0.99 -5.47
CA LEU B 190 34.63 -0.05 -5.25
C LEU B 190 33.53 0.43 -4.30
N LEU B 191 32.29 0.04 -4.62
CA LEU B 191 31.12 0.40 -3.83
C LEU B 191 30.71 -0.76 -2.93
N ARG B 192 30.15 -0.42 -1.77
CA ARG B 192 29.58 -1.39 -0.83
C ARG B 192 28.11 -1.05 -0.63
N PRO B 193 27.32 -1.99 -0.08
CA PRO B 193 26.00 -1.59 0.43
C PRO B 193 26.14 -0.45 1.45
N HIS B 194 25.30 0.58 1.36
CA HIS B 194 25.21 1.58 2.44
C HIS B 194 24.28 1.12 3.58
N VAL B 195 24.31 -0.18 3.89
CA VAL B 195 23.74 -0.70 5.13
C VAL B 195 24.75 -0.48 6.25
N VAL B 196 24.31 -0.75 7.49
CA VAL B 196 25.17 -0.75 8.67
C VAL B 196 25.34 -2.18 9.12
N TRP B 197 26.58 -2.68 9.04
CA TRP B 197 26.88 -4.08 9.31
C TRP B 197 27.09 -4.39 10.78
N PHE B 198 27.17 -5.69 11.07
CA PHE B 198 27.53 -6.19 12.40
C PHE B 198 28.91 -5.68 12.78
N GLY B 199 29.05 -5.19 14.01
CA GLY B 199 30.28 -4.54 14.45
C GLY B 199 30.56 -3.19 13.80
N GLU B 200 29.52 -2.48 13.37
CA GLU B 200 29.63 -1.09 12.92
C GLU B 200 28.71 -0.21 13.78
N THR B 201 29.18 1.00 14.10
CA THR B 201 28.39 1.98 14.82
C THR B 201 27.49 2.70 13.84
N LEU B 202 26.49 3.38 14.38
CA LEU B 202 25.59 4.19 13.59
C LEU B 202 26.28 5.50 13.24
N ASP B 203 25.91 6.09 12.10
CA ASP B 203 26.37 7.42 11.68
C ASP B 203 25.87 8.42 12.72
N SER B 204 26.73 9.35 13.13
CA SER B 204 26.41 10.29 14.21
C SER B 204 25.57 11.50 13.78
N ASP B 205 25.66 11.90 12.50
CA ASP B 205 24.77 12.95 11.93
C ASP B 205 23.31 12.56 12.16
N ILE B 206 22.99 11.30 11.82
CA ILE B 206 21.63 10.75 11.93
C ILE B 206 21.19 10.62 13.40
N LEU B 207 22.08 10.14 14.26
CA LEU B 207 21.74 10.03 15.69
C LEU B 207 21.34 11.37 16.28
N THR B 208 22.14 12.40 16.02
CA THR B 208 21.90 13.71 16.62
C THR B 208 20.66 14.40 16.05
N ALA B 209 20.35 14.13 14.78
CA ALA B 209 19.07 14.57 14.19
C ALA B 209 17.89 13.83 14.85
N VAL B 210 18.04 12.53 15.08
CA VAL B 210 17.01 11.72 15.76
C VAL B 210 16.83 12.21 17.21
N GLU B 211 17.92 12.60 17.85
CA GLU B 211 17.87 13.22 19.19
C GLU B 211 16.99 14.47 19.15
N ARG B 212 17.27 15.36 18.19
CA ARG B 212 16.47 16.59 18.01
C ARG B 212 14.98 16.31 17.81
N GLU B 213 14.65 15.24 17.10
CA GLU B 213 13.24 14.86 16.89
C GLU B 213 12.61 14.31 18.16
N LEU B 214 13.32 13.41 18.83
CA LEU B 214 12.80 12.84 20.07
C LEU B 214 12.73 13.84 21.22
N GLU B 215 13.46 14.96 21.14
CA GLU B 215 13.22 16.10 22.05
C GLU B 215 11.80 16.63 21.82
N LYS B 216 11.53 17.02 20.58
CA LYS B 216 10.22 17.58 20.17
C LYS B 216 9.03 16.63 20.38
N CYS B 217 9.29 15.32 20.36
CA CYS B 217 8.29 14.26 20.54
C CYS B 217 7.36 14.49 21.73
N ASP B 218 6.06 14.41 21.50
CA ASP B 218 5.06 14.31 22.58
C ASP B 218 4.18 13.05 22.49
N LEU B 219 4.44 12.20 21.51
CA LEU B 219 3.88 10.86 21.46
C LEU B 219 4.85 9.99 20.68
N CYS B 220 5.15 8.82 21.23
CA CYS B 220 6.07 7.88 20.61
C CYS B 220 5.33 6.58 20.34
N LEU B 221 5.54 6.03 19.14
CA LEU B 221 5.00 4.72 18.77
C LEU B 221 6.15 3.78 18.48
N VAL B 222 6.04 2.56 19.00
CA VAL B 222 7.00 1.50 18.71
C VAL B 222 6.18 0.43 17.98
N VAL B 223 6.60 0.13 16.76
CA VAL B 223 5.87 -0.78 15.88
C VAL B 223 6.81 -1.87 15.39
N GLY B 224 6.39 -3.14 15.53
CA GLY B 224 7.14 -4.28 15.01
C GLY B 224 8.45 -4.58 15.73
N THR B 225 8.44 -4.41 17.06
CA THR B 225 9.61 -4.54 17.98
C THR B 225 9.10 -4.04 19.34
N SER B 226 9.81 -4.35 20.43
CA SER B 226 9.43 -3.81 21.75
C SER B 226 10.40 -2.72 22.20
N SER B 227 9.96 -1.93 23.17
CA SER B 227 10.70 -0.74 23.65
C SER B 227 12.00 -1.06 24.40
N ILE B 228 12.13 -2.28 24.92
CA ILE B 228 13.29 -2.68 25.74
C ILE B 228 14.37 -3.45 24.98
N VAL B 229 14.17 -3.67 23.69
CA VAL B 229 15.10 -4.43 22.88
C VAL B 229 16.00 -3.45 22.11
N TYR B 230 17.24 -3.86 21.86
CA TYR B 230 18.21 -3.09 21.09
C TYR B 230 17.81 -3.24 19.61
N PRO B 231 17.76 -2.17 18.82
CA PRO B 231 18.10 -0.80 19.19
C PRO B 231 16.88 0.12 19.47
N ALA B 232 15.68 -0.44 19.57
CA ALA B 232 14.53 0.36 19.98
C ALA B 232 14.76 1.05 21.34
N ALA B 233 15.42 0.34 22.27
CA ALA B 233 15.73 0.86 23.62
C ALA B 233 16.66 2.07 23.69
N MET B 234 17.36 2.35 22.60
CA MET B 234 18.08 3.62 22.44
C MET B 234 17.18 4.85 22.49
N PHE B 235 15.90 4.69 22.15
CA PHE B 235 15.02 5.81 21.84
C PHE B 235 13.80 5.89 22.75
N ALA B 236 13.01 4.82 22.81
CA ALA B 236 11.73 4.81 23.53
C ALA B 236 11.82 5.10 25.04
N PRO B 237 12.72 4.42 25.77
CA PRO B 237 12.83 4.69 27.20
C PRO B 237 13.34 6.12 27.55
N GLN B 238 14.18 6.72 26.70
CA GLN B 238 14.60 8.12 26.88
C GLN B 238 13.42 9.11 26.79
N VAL B 239 12.44 8.76 25.97
CA VAL B 239 11.22 9.54 25.80
C VAL B 239 10.21 9.20 26.89
N ALA B 240 10.04 7.93 27.20
CA ALA B 240 9.14 7.48 28.26
C ALA B 240 9.46 8.06 29.64
N SER B 241 10.74 8.28 29.93
CA SER B 241 11.17 8.84 31.20
C SER B 241 10.77 10.31 31.38
N ARG B 242 10.76 11.07 30.28
CA ARG B 242 10.32 12.47 30.29
C ARG B 242 8.83 12.68 30.55
N GLY B 243 8.01 11.65 30.48
CA GLY B 243 6.55 11.76 30.68
C GLY B 243 5.70 11.64 29.41
N VAL B 244 6.35 11.40 28.28
CA VAL B 244 5.69 11.18 27.00
C VAL B 244 5.15 9.74 26.96
N PRO B 245 3.93 9.54 26.43
CA PRO B 245 3.48 8.14 26.34
C PRO B 245 4.08 7.38 25.17
N VAL B 246 4.18 6.07 25.35
CA VAL B 246 4.74 5.16 24.38
C VAL B 246 3.71 4.09 24.14
N ALA B 247 3.37 3.88 22.86
CA ALA B 247 2.45 2.82 22.45
C ALA B 247 3.22 1.74 21.73
N GLU B 248 3.06 0.49 22.15
CA GLU B 248 3.68 -0.65 21.47
C GLU B 248 2.67 -1.33 20.58
N PHE B 249 3.11 -1.68 19.36
CA PHE B 249 2.33 -2.49 18.42
C PHE B 249 3.24 -3.60 17.90
N ASN B 250 3.04 -4.82 18.37
CA ASN B 250 3.80 -5.97 17.88
C ASN B 250 3.07 -7.27 18.22
N MET B 251 3.56 -8.38 17.69
CA MET B 251 2.99 -9.71 17.95
C MET B 251 4.05 -10.64 18.50
N GLU B 252 4.73 -10.14 19.53
CA GLU B 252 5.57 -10.95 20.39
C GLU B 252 4.84 -10.92 21.73
N CYS B 253 4.68 -12.08 22.36
CA CYS B 253 4.10 -12.15 23.71
C CYS B 253 5.19 -11.91 24.75
N THR B 254 5.89 -10.76 24.65
CA THR B 254 6.91 -10.37 25.64
C THR B 254 6.15 -10.03 26.93
N PRO B 255 6.45 -10.74 28.06
CA PRO B 255 5.60 -10.74 29.27
C PRO B 255 5.09 -9.37 29.74
N ALA B 256 3.97 -9.37 30.47
CA ALA B 256 3.35 -8.12 30.96
C ALA B 256 4.21 -7.27 31.92
N THR B 257 5.35 -7.81 32.39
CA THR B 257 6.42 -7.02 33.06
C THR B 257 7.04 -5.94 32.14
N GLN B 258 7.07 -6.20 30.83
CA GLN B 258 7.81 -5.41 29.83
C GLN B 258 6.97 -4.55 28.87
N ARG B 259 5.65 -4.77 28.84
CA ARG B 259 4.72 -3.96 28.02
C ARG B 259 4.64 -2.52 28.55
N PHE B 260 5.25 -1.57 27.82
CA PHE B 260 5.25 -0.16 28.24
C PHE B 260 3.85 0.46 28.06
N LYS B 261 3.36 1.11 29.12
CA LYS B 261 2.17 1.99 29.08
C LYS B 261 0.94 1.50 28.25
N TYR B 262 1.00 1.66 26.92
CA TYR B 262 -0.03 1.13 26.00
C TYR B 262 0.62 0.05 25.12
N HIS B 263 -0.06 -1.09 24.97
CA HIS B 263 0.42 -2.20 24.15
C HIS B 263 -0.78 -2.81 23.41
N PHE B 264 -0.59 -3.12 22.13
CA PHE B 264 -1.62 -3.75 21.31
C PHE B 264 -1.03 -4.98 20.63
N GLU B 265 -1.33 -6.14 21.21
CA GLU B 265 -0.84 -7.41 20.69
C GLU B 265 -1.51 -7.68 19.34
N GLY B 266 -0.75 -8.28 18.44
CA GLY B 266 -1.26 -8.72 17.15
C GLY B 266 -0.57 -8.01 16.01
N PRO B 267 -0.74 -8.51 14.77
CA PRO B 267 -0.06 -7.96 13.59
C PRO B 267 -0.26 -6.44 13.35
N CYS B 268 0.84 -5.74 13.11
CA CYS B 268 0.84 -4.28 12.91
C CYS B 268 -0.17 -3.81 11.87
N GLY B 269 -0.17 -4.49 10.72
CA GLY B 269 -1.11 -4.20 9.66
C GLY B 269 -2.57 -4.24 10.10
N SER B 270 -2.88 -5.08 11.09
CA SER B 270 -4.23 -5.16 11.67
C SER B 270 -4.48 -4.14 12.80
N THR B 271 -3.52 -4.01 13.71
CA THR B 271 -3.70 -3.19 14.91
C THR B 271 -3.49 -1.71 14.67
N LEU B 272 -2.57 -1.38 13.76
CA LEU B 272 -2.12 0.01 13.59
C LEU B 272 -3.03 0.95 12.76
N PRO B 273 -3.63 0.47 11.66
CA PRO B 273 -4.51 1.40 10.93
C PRO B 273 -5.76 1.89 11.69
N PRO B 274 -6.40 1.02 12.53
CA PRO B 274 -7.46 1.49 13.42
C PRO B 274 -7.01 2.55 14.44
N ALA B 275 -5.74 2.49 14.84
CA ALA B 275 -5.14 3.45 15.77
C ALA B 275 -4.81 4.81 15.17
N LEU B 276 -4.28 4.84 13.94
CA LEU B 276 -3.84 6.09 13.31
C LEU B 276 -4.91 6.83 12.48
N GLU B 277 -6.13 6.30 12.43
CA GLU B 277 -7.16 6.81 11.50
C GLU B 277 -7.59 8.25 11.77
N VAL C 2 -25.43 2.93 -20.82
CA VAL C 2 -25.40 1.56 -20.29
C VAL C 2 -25.88 1.53 -18.83
N LEU C 3 -26.89 0.71 -18.56
CA LEU C 3 -27.30 0.42 -17.18
C LEU C 3 -26.24 -0.42 -16.47
N GLU C 5 -24.79 -3.15 -13.97
CA GLU C 5 -25.25 -4.55 -13.94
C GLU C 5 -26.27 -4.90 -15.08
N TYR C 6 -26.25 -4.11 -16.17
CA TYR C 6 -27.23 -4.19 -17.26
C TYR C 6 -28.72 -4.15 -16.85
N GLY C 7 -29.06 -3.54 -15.71
CA GLY C 7 -30.44 -3.53 -15.20
C GLY C 7 -30.63 -4.45 -14.01
N VAL C 8 -30.38 -5.75 -14.21
CA VAL C 8 -30.30 -6.75 -13.10
C VAL C 8 -29.30 -7.85 -13.47
#